data_1V19
#
_entry.id   1V19
#
_cell.length_a   84.825
_cell.length_b   84.825
_cell.length_c   168.494
_cell.angle_alpha   90.00
_cell.angle_beta   90.00
_cell.angle_gamma   120.00
#
_symmetry.space_group_name_H-M   'P 63'
#
loop_
_entity.id
_entity.type
_entity.pdbx_description
1 polymer '2-KETO-3-DEOXYGLUCONATE KINASE'
2 non-polymer '1,4-DIETHYLENE DIOXIDE'
3 water water
#
_entity_poly.entity_id   1
_entity_poly.type   'polypeptide(L)'
_entity_poly.pdbx_seq_one_letter_code
;MLEVVTAGEPLVALVPQEPGHLRGKRLLEVYVGGAEVNVAVALARLGVKVGFVGRVGEDELGAMVEERLRAEGVDLTHFR
RAPGFTGLYLREYLPLGQGRVFYYRKGSAGSALAPGAFDPDYLEGVRFLHLSGITPALSPEARAFSLWAMEEAKRRGVRV
SLDVNYRQTLWSPEEARGFLERALPGVDLLFLSEEEAELLFGRVEEALRALSAPEVVLKRGAKGAWAFVDGRRVEGSAFA
VEAVDPVGAGDAFAAGYLAGAVWGLPVEERLRLANLLGASVAASRGDHEGAPYREDLEVLLKATQTFMR
;
_entity_poly.pdbx_strand_id   A,B
#
loop_
_chem_comp.id
_chem_comp.type
_chem_comp.name
_chem_comp.formula
DIO non-polymer '1,4-DIETHYLENE DIOXIDE' 'C4 H8 O2'
#
# COMPACT_ATOMS: atom_id res chain seq x y z
N MET A 1 -11.39 -15.78 -32.13
CA MET A 1 -9.95 -15.99 -31.81
C MET A 1 -9.30 -14.69 -31.35
N LEU A 2 -8.29 -14.80 -30.48
CA LEU A 2 -7.59 -13.63 -29.97
C LEU A 2 -6.59 -13.05 -30.97
N GLU A 3 -6.51 -11.74 -31.00
CA GLU A 3 -5.60 -11.04 -31.89
C GLU A 3 -4.38 -10.59 -31.13
N VAL A 4 -4.55 -10.25 -29.87
CA VAL A 4 -3.42 -9.81 -29.05
C VAL A 4 -3.47 -10.46 -27.68
N VAL A 5 -2.29 -10.67 -27.10
CA VAL A 5 -2.21 -11.24 -25.77
C VAL A 5 -1.13 -10.45 -25.04
N THR A 6 -1.49 -9.88 -23.89
CA THR A 6 -0.56 -9.10 -23.08
C THR A 6 -0.33 -9.90 -21.81
N ALA A 7 0.68 -9.51 -21.05
CA ALA A 7 0.98 -10.21 -19.80
C ALA A 7 1.90 -9.38 -18.90
N GLY A 8 1.66 -9.43 -17.60
CA GLY A 8 2.47 -8.67 -16.69
C GLY A 8 1.83 -8.59 -15.33
N GLU A 9 2.34 -7.70 -14.48
CA GLU A 9 1.77 -7.53 -13.15
C GLU A 9 0.79 -6.37 -13.05
N PRO A 10 -0.47 -6.66 -12.70
CA PRO A 10 -1.44 -5.58 -12.58
C PRO A 10 -1.14 -4.78 -11.32
N LEU A 11 -1.49 -3.51 -11.31
CA LEU A 11 -1.27 -2.69 -10.14
C LEU A 11 -2.49 -1.83 -9.86
N VAL A 12 -2.71 -1.49 -8.59
CA VAL A 12 -3.81 -0.62 -8.26
C VAL A 12 -3.16 0.72 -7.96
N ALA A 13 -3.61 1.76 -8.62
CA ALA A 13 -3.05 3.09 -8.42
C ALA A 13 -3.87 3.90 -7.45
N LEU A 14 -3.18 4.63 -6.59
CA LEU A 14 -3.82 5.52 -5.62
C LEU A 14 -3.30 6.88 -6.04
N VAL A 15 -4.21 7.81 -6.37
CA VAL A 15 -3.82 9.13 -6.82
C VAL A 15 -4.60 10.28 -6.19
N PRO A 16 -3.90 11.37 -5.79
CA PRO A 16 -4.65 12.47 -5.20
C PRO A 16 -5.53 13.13 -6.28
N GLN A 17 -6.54 13.89 -5.86
CA GLN A 17 -7.45 14.52 -6.81
C GLN A 17 -6.93 15.77 -7.50
N GLU A 18 -5.82 16.32 -7.02
CA GLU A 18 -5.21 17.50 -7.62
C GLU A 18 -3.73 17.53 -7.28
N PRO A 19 -2.96 18.39 -7.97
CA PRO A 19 -1.53 18.50 -7.71
C PRO A 19 -1.22 18.81 -6.25
N GLY A 20 0.02 18.60 -5.85
CA GLY A 20 0.41 18.85 -4.48
C GLY A 20 1.06 17.64 -3.85
N HIS A 21 1.78 17.88 -2.76
CA HIS A 21 2.45 16.80 -2.05
C HIS A 21 1.49 15.84 -1.44
N LEU A 22 1.85 14.57 -1.56
CA LEU A 22 1.05 13.48 -1.03
C LEU A 22 0.90 13.54 0.47
N ARG A 23 1.90 14.10 1.16
CA ARG A 23 1.83 14.18 2.62
C ARG A 23 0.63 15.01 3.09
N GLY A 24 0.15 15.89 2.23
CA GLY A 24 -0.98 16.73 2.61
C GLY A 24 -2.35 16.31 2.13
N LYS A 25 -2.44 15.22 1.39
CA LYS A 25 -3.73 14.74 0.88
C LYS A 25 -4.48 13.93 1.94
N ARG A 26 -5.81 14.07 1.95
CA ARG A 26 -6.67 13.32 2.87
C ARG A 26 -7.56 12.37 2.06
N LEU A 27 -7.47 12.44 0.74
CA LEU A 27 -8.27 11.61 -0.17
C LEU A 27 -7.48 11.11 -1.36
N LEU A 28 -7.67 9.85 -1.69
CA LEU A 28 -6.96 9.24 -2.81
C LEU A 28 -7.94 8.52 -3.69
N GLU A 29 -7.78 8.71 -4.99
CA GLU A 29 -8.62 8.05 -5.96
C GLU A 29 -7.98 6.71 -6.28
N VAL A 30 -8.82 5.71 -6.55
CA VAL A 30 -8.35 4.36 -6.86
C VAL A 30 -8.55 4.03 -8.34
N TYR A 31 -7.47 3.60 -8.99
CA TYR A 31 -7.50 3.23 -10.40
C TYR A 31 -6.75 1.92 -10.64
N VAL A 32 -7.17 1.18 -11.67
CA VAL A 32 -6.51 -0.06 -12.02
C VAL A 32 -5.44 0.30 -13.04
N GLY A 33 -4.19 -0.08 -12.75
CA GLY A 33 -3.09 0.23 -13.64
C GLY A 33 -2.25 -0.98 -13.99
N GLY A 34 -1.05 -0.72 -14.51
CA GLY A 34 -0.17 -1.80 -14.92
C GLY A 34 0.02 -1.64 -16.42
N ALA A 35 1.26 -1.40 -16.84
CA ALA A 35 1.58 -1.21 -18.24
C ALA A 35 0.78 -2.10 -19.20
N GLU A 36 0.90 -3.42 -19.02
CA GLU A 36 0.20 -4.38 -19.88
C GLU A 36 -1.30 -4.36 -19.69
N VAL A 37 -1.74 -4.11 -18.47
CA VAL A 37 -3.16 -4.01 -18.19
C VAL A 37 -3.73 -2.85 -19.02
N ASN A 38 -3.03 -1.71 -18.99
CA ASN A 38 -3.45 -0.52 -19.72
C ASN A 38 -3.57 -0.79 -21.22
N VAL A 39 -2.59 -1.50 -21.80
CA VAL A 39 -2.63 -1.84 -23.22
C VAL A 39 -3.85 -2.74 -23.50
N ALA A 40 -4.03 -3.78 -22.67
CA ALA A 40 -5.14 -4.71 -22.84
C ALA A 40 -6.50 -4.02 -22.86
N VAL A 41 -6.74 -3.14 -21.88
CA VAL A 41 -8.00 -2.41 -21.79
C VAL A 41 -8.22 -1.46 -22.96
N ALA A 42 -7.15 -0.80 -23.41
CA ALA A 42 -7.26 0.12 -24.54
C ALA A 42 -7.65 -0.66 -25.80
N LEU A 43 -6.99 -1.80 -26.03
CA LEU A 43 -7.29 -2.62 -27.20
C LEU A 43 -8.70 -3.14 -27.12
N ALA A 44 -9.09 -3.58 -25.91
CA ALA A 44 -10.42 -4.11 -25.67
C ALA A 44 -11.47 -3.05 -26.01
N ARG A 45 -11.20 -1.79 -25.68
CA ARG A 45 -12.14 -0.72 -25.99
C ARG A 45 -12.21 -0.44 -27.49
N LEU A 46 -11.11 -0.69 -28.20
CA LEU A 46 -11.09 -0.45 -29.64
C LEU A 46 -11.65 -1.66 -30.42
N GLY A 47 -12.10 -2.68 -29.71
CA GLY A 47 -12.65 -3.83 -30.39
C GLY A 47 -11.67 -4.92 -30.77
N VAL A 48 -10.43 -4.80 -30.33
CA VAL A 48 -9.44 -5.83 -30.64
C VAL A 48 -9.60 -6.94 -29.59
N LYS A 49 -9.72 -8.19 -30.05
CA LYS A 49 -9.86 -9.30 -29.14
C LYS A 49 -8.52 -9.48 -28.41
N VAL A 50 -8.52 -9.24 -27.11
CA VAL A 50 -7.30 -9.32 -26.34
C VAL A 50 -7.40 -10.15 -25.05
N GLY A 51 -6.31 -10.84 -24.74
CA GLY A 51 -6.24 -11.66 -23.55
C GLY A 51 -5.12 -11.21 -22.66
N PHE A 52 -5.35 -11.17 -21.35
CA PHE A 52 -4.34 -10.75 -20.40
C PHE A 52 -3.94 -11.94 -19.54
N VAL A 53 -2.64 -12.17 -19.44
CA VAL A 53 -2.12 -13.27 -18.63
C VAL A 53 -1.46 -12.69 -17.39
N GLY A 54 -1.93 -13.09 -16.22
CA GLY A 54 -1.34 -12.58 -15.00
C GLY A 54 -2.07 -13.00 -13.76
N ARG A 55 -1.55 -12.60 -12.61
CA ARG A 55 -2.14 -12.93 -11.33
C ARG A 55 -2.24 -11.72 -10.41
N VAL A 56 -3.25 -11.75 -9.55
CA VAL A 56 -3.47 -10.71 -8.55
C VAL A 56 -3.60 -11.53 -7.28
N GLY A 57 -3.71 -10.88 -6.13
CA GLY A 57 -3.86 -11.62 -4.89
C GLY A 57 -5.32 -11.96 -4.61
N GLU A 58 -5.56 -12.74 -3.57
CA GLU A 58 -6.93 -13.08 -3.22
C GLU A 58 -7.44 -12.09 -2.17
N ASP A 59 -7.37 -10.82 -2.51
CA ASP A 59 -7.83 -9.77 -1.64
C ASP A 59 -8.83 -8.89 -2.38
N GLU A 60 -9.24 -7.78 -1.77
CA GLU A 60 -10.20 -6.88 -2.39
C GLU A 60 -9.66 -6.10 -3.59
N LEU A 61 -8.37 -5.74 -3.53
CA LEU A 61 -7.76 -5.03 -4.64
C LEU A 61 -7.59 -5.96 -5.84
N GLY A 62 -7.36 -7.24 -5.58
CA GLY A 62 -7.21 -8.20 -6.67
C GLY A 62 -8.54 -8.43 -7.35
N ALA A 63 -9.61 -8.48 -6.54
CA ALA A 63 -10.97 -8.67 -7.05
C ALA A 63 -11.38 -7.46 -7.88
N MET A 64 -10.83 -6.31 -7.50
CA MET A 64 -11.11 -5.06 -8.20
C MET A 64 -10.47 -5.05 -9.58
N VAL A 65 -9.23 -5.55 -9.66
CA VAL A 65 -8.51 -5.62 -10.91
C VAL A 65 -9.25 -6.56 -11.87
N GLU A 66 -9.74 -7.68 -11.31
CA GLU A 66 -10.45 -8.69 -12.08
C GLU A 66 -11.78 -8.22 -12.64
N GLU A 67 -12.58 -7.53 -11.84
CA GLU A 67 -13.86 -7.05 -12.35
C GLU A 67 -13.62 -6.03 -13.47
N ARG A 68 -12.57 -5.21 -13.32
CA ARG A 68 -12.22 -4.18 -14.32
C ARG A 68 -11.90 -4.83 -15.67
N LEU A 69 -10.98 -5.79 -15.65
CA LEU A 69 -10.59 -6.50 -16.87
C LEU A 69 -11.82 -7.19 -17.47
N ARG A 70 -12.66 -7.76 -16.61
CA ARG A 70 -13.87 -8.44 -17.06
C ARG A 70 -14.90 -7.47 -17.64
N ALA A 71 -15.05 -6.31 -16.99
CA ALA A 71 -15.99 -5.30 -17.46
C ALA A 71 -15.58 -4.78 -18.82
N GLU A 72 -14.27 -4.71 -19.06
CA GLU A 72 -13.71 -4.21 -20.34
C GLU A 72 -13.74 -5.24 -21.47
N GLY A 73 -13.99 -6.50 -21.12
CA GLY A 73 -14.04 -7.55 -22.12
C GLY A 73 -12.67 -8.13 -22.44
N VAL A 74 -11.78 -8.20 -21.46
CA VAL A 74 -10.45 -8.77 -21.67
C VAL A 74 -10.58 -10.26 -21.37
N ASP A 75 -10.01 -11.11 -22.23
CA ASP A 75 -10.07 -12.56 -21.98
C ASP A 75 -9.17 -12.86 -20.79
N LEU A 76 -9.71 -13.55 -19.80
CA LEU A 76 -8.94 -13.87 -18.61
C LEU A 76 -8.75 -15.36 -18.44
N THR A 77 -8.81 -16.10 -19.55
CA THR A 77 -8.63 -17.56 -19.53
C THR A 77 -7.45 -17.95 -18.65
N HIS A 78 -6.36 -17.21 -18.77
CA HIS A 78 -5.16 -17.47 -18.00
C HIS A 78 -4.81 -16.38 -16.97
N PHE A 79 -5.83 -15.65 -16.54
CA PHE A 79 -5.68 -14.62 -15.51
C PHE A 79 -6.52 -15.12 -14.36
N ARG A 80 -6.00 -15.02 -13.15
CA ARG A 80 -6.75 -15.49 -12.00
C ARG A 80 -6.17 -14.93 -10.70
N ARG A 81 -6.98 -14.98 -9.64
CA ARG A 81 -6.55 -14.53 -8.33
C ARG A 81 -5.88 -15.73 -7.66
N ALA A 82 -4.74 -15.49 -7.04
CA ALA A 82 -3.99 -16.54 -6.37
C ALA A 82 -3.50 -16.09 -4.99
N PRO A 83 -3.13 -17.04 -4.13
CA PRO A 83 -2.66 -16.66 -2.79
C PRO A 83 -1.63 -15.53 -2.87
N GLY A 84 -1.70 -14.62 -1.89
CA GLY A 84 -0.80 -13.49 -1.88
C GLY A 84 -1.59 -12.21 -1.99
N PHE A 85 -0.90 -11.09 -2.11
CA PHE A 85 -1.58 -9.82 -2.20
C PHE A 85 -1.35 -9.15 -3.55
N THR A 86 -2.18 -8.15 -3.82
CA THR A 86 -2.11 -7.39 -5.05
C THR A 86 -1.27 -6.15 -4.80
N GLY A 87 -0.33 -5.89 -5.71
CA GLY A 87 0.52 -4.73 -5.55
C GLY A 87 -0.21 -3.43 -5.84
N LEU A 88 0.21 -2.36 -5.18
CA LEU A 88 -0.39 -1.05 -5.37
C LEU A 88 0.74 -0.05 -5.35
N TYR A 89 0.44 1.18 -5.75
CA TYR A 89 1.45 2.22 -5.71
C TYR A 89 0.79 3.57 -5.60
N LEU A 90 1.48 4.50 -4.95
CA LEU A 90 0.95 5.83 -4.80
C LEU A 90 1.67 6.76 -5.75
N ARG A 91 0.94 7.76 -6.22
CA ARG A 91 1.44 8.71 -7.19
C ARG A 91 1.23 10.12 -6.63
N GLU A 92 2.03 11.06 -7.12
CA GLU A 92 1.98 12.45 -6.69
C GLU A 92 2.53 13.37 -7.77
N TYR A 93 1.73 14.34 -8.20
CA TYR A 93 2.21 15.27 -9.23
C TYR A 93 2.29 16.67 -8.63
N LEU A 94 3.51 17.18 -8.48
CA LEU A 94 3.73 18.49 -7.88
C LEU A 94 3.36 19.69 -8.76
N PRO A 95 2.86 20.79 -8.14
CA PRO A 95 2.45 22.01 -8.83
C PRO A 95 3.24 22.36 -10.09
N LEU A 96 4.56 22.53 -9.95
CA LEU A 96 5.37 22.90 -11.10
C LEU A 96 5.70 21.74 -12.06
N GLY A 97 5.21 20.54 -11.78
CA GLY A 97 5.46 19.41 -12.65
C GLY A 97 6.32 18.24 -12.17
N GLN A 98 7.11 18.46 -11.13
CA GLN A 98 7.98 17.42 -10.59
C GLN A 98 7.15 16.32 -9.92
N GLY A 99 7.18 15.11 -10.48
CA GLY A 99 6.40 14.03 -9.90
C GLY A 99 7.20 12.99 -9.14
N ARG A 100 6.51 12.15 -8.36
CA ARG A 100 7.15 11.08 -7.58
C ARG A 100 6.20 9.89 -7.34
N VAL A 101 6.72 8.67 -7.42
CA VAL A 101 5.90 7.47 -7.21
C VAL A 101 6.40 6.62 -6.04
N PHE A 102 5.49 5.90 -5.40
CA PHE A 102 5.87 5.04 -4.28
C PHE A 102 5.22 3.68 -4.47
N TYR A 103 6.05 2.63 -4.49
CA TYR A 103 5.57 1.28 -4.70
C TYR A 103 5.43 0.39 -3.46
N TYR A 104 4.37 -0.43 -3.47
CA TYR A 104 4.07 -1.39 -2.42
C TYR A 104 3.64 -2.65 -3.17
N ARG A 105 4.58 -3.23 -3.91
CA ARG A 105 4.28 -4.42 -4.73
C ARG A 105 5.26 -5.58 -4.60
N LYS A 106 6.36 -5.36 -3.87
CA LYS A 106 7.38 -6.41 -3.70
C LYS A 106 6.88 -7.69 -3.03
N GLY A 107 6.94 -8.78 -3.77
CA GLY A 107 6.50 -10.06 -3.25
C GLY A 107 5.04 -10.34 -3.50
N SER A 108 4.43 -9.55 -4.38
CA SER A 108 3.02 -9.69 -4.70
C SER A 108 2.75 -10.95 -5.52
N ALA A 109 1.48 -11.35 -5.56
CA ALA A 109 1.08 -12.53 -6.31
C ALA A 109 1.29 -12.30 -7.80
N GLY A 110 1.23 -11.04 -8.23
CA GLY A 110 1.41 -10.73 -9.63
C GLY A 110 2.84 -10.75 -10.14
N SER A 111 3.81 -10.48 -9.29
CA SER A 111 5.21 -10.46 -9.71
C SER A 111 5.84 -11.86 -9.69
N ALA A 112 4.99 -12.88 -9.59
CA ALA A 112 5.45 -14.26 -9.55
C ALA A 112 5.79 -14.79 -10.95
N LEU A 113 5.01 -14.39 -11.95
CA LEU A 113 5.21 -14.82 -13.35
C LEU A 113 6.55 -15.51 -13.62
N ALA A 114 6.47 -16.81 -13.88
CA ALA A 114 7.64 -17.62 -14.18
C ALA A 114 7.33 -18.38 -15.46
N PRO A 115 8.35 -18.93 -16.13
CA PRO A 115 8.14 -19.68 -17.38
C PRO A 115 7.10 -20.78 -17.24
N GLY A 116 6.18 -20.85 -18.20
CA GLY A 116 5.13 -21.86 -18.17
C GLY A 116 3.86 -21.37 -17.50
N ALA A 117 3.83 -20.08 -17.14
CA ALA A 117 2.69 -19.44 -16.46
C ALA A 117 1.33 -19.70 -17.10
N PHE A 118 1.31 -19.91 -18.41
CA PHE A 118 0.04 -20.19 -19.08
C PHE A 118 0.23 -21.25 -20.15
N ASP A 119 -0.86 -21.76 -20.72
CA ASP A 119 -0.75 -22.76 -21.75
C ASP A 119 -0.36 -22.06 -23.03
N PRO A 120 0.81 -22.37 -23.57
CA PRO A 120 1.35 -21.79 -24.81
C PRO A 120 0.40 -21.82 -26.02
N ASP A 121 -0.43 -22.85 -26.08
CA ASP A 121 -1.37 -22.99 -27.19
C ASP A 121 -2.41 -21.88 -27.21
N TYR A 122 -2.38 -21.05 -26.16
CA TYR A 122 -3.26 -19.92 -25.99
C TYR A 122 -2.85 -18.90 -27.08
N LEU A 123 -1.55 -18.83 -27.33
CA LEU A 123 -0.94 -17.92 -28.32
C LEU A 123 -1.22 -18.28 -29.76
N GLU A 124 -1.73 -19.49 -29.98
CA GLU A 124 -1.98 -19.95 -31.32
C GLU A 124 -3.00 -19.13 -32.10
N GLY A 125 -2.60 -18.69 -33.28
CA GLY A 125 -3.46 -17.91 -34.14
C GLY A 125 -3.48 -16.44 -33.75
N VAL A 126 -2.66 -16.10 -32.77
CA VAL A 126 -2.58 -14.73 -32.28
C VAL A 126 -1.60 -13.86 -33.08
N ARG A 127 -2.04 -12.65 -33.39
CA ARG A 127 -1.25 -11.67 -34.15
C ARG A 127 -0.08 -11.09 -33.34
N PHE A 128 -0.34 -10.67 -32.11
CA PHE A 128 0.71 -10.09 -31.28
C PHE A 128 0.70 -10.53 -29.84
N LEU A 129 1.91 -10.59 -29.29
CA LEU A 129 2.10 -10.90 -27.87
C LEU A 129 2.74 -9.61 -27.40
N HIS A 130 2.13 -8.93 -26.43
CA HIS A 130 2.71 -7.69 -25.97
C HIS A 130 3.28 -7.77 -24.55
N LEU A 131 4.50 -7.27 -24.38
CA LEU A 131 5.15 -7.29 -23.08
C LEU A 131 5.78 -5.94 -22.81
N SER A 132 6.14 -5.69 -21.55
CA SER A 132 6.76 -4.42 -21.18
C SER A 132 8.08 -4.73 -20.51
N GLY A 133 9.04 -3.83 -20.67
CA GLY A 133 10.33 -4.04 -20.06
C GLY A 133 10.23 -4.04 -18.56
N ILE A 134 9.06 -3.67 -18.04
CA ILE A 134 8.86 -3.63 -16.60
C ILE A 134 8.79 -5.04 -16.03
N THR A 135 8.18 -5.94 -16.80
CA THR A 135 8.00 -7.33 -16.39
C THR A 135 9.29 -8.12 -16.06
N PRO A 136 10.23 -8.26 -17.02
CA PRO A 136 11.45 -9.00 -16.72
C PRO A 136 12.27 -8.39 -15.59
N ALA A 137 12.02 -7.12 -15.31
CA ALA A 137 12.73 -6.37 -14.28
C ALA A 137 12.25 -6.66 -12.86
N LEU A 138 11.04 -7.20 -12.73
CA LEU A 138 10.47 -7.52 -11.43
C LEU A 138 11.21 -8.61 -10.67
N SER A 139 11.75 -9.61 -11.38
CA SER A 139 12.48 -10.68 -10.73
C SER A 139 13.09 -11.60 -11.78
N PRO A 140 13.99 -12.49 -11.34
CA PRO A 140 14.61 -13.42 -12.29
C PRO A 140 13.58 -14.39 -12.91
N GLU A 141 12.54 -14.72 -12.13
CA GLU A 141 11.48 -15.62 -12.60
C GLU A 141 10.65 -14.91 -13.66
N ALA A 142 10.49 -13.60 -13.49
CA ALA A 142 9.73 -12.81 -14.43
C ALA A 142 10.61 -12.55 -15.65
N ARG A 143 11.91 -12.39 -15.43
CA ARG A 143 12.83 -12.15 -16.54
C ARG A 143 12.85 -13.41 -17.41
N ALA A 144 12.72 -14.57 -16.77
CA ALA A 144 12.70 -15.85 -17.48
C ALA A 144 11.38 -16.01 -18.24
N PHE A 145 10.26 -15.77 -17.55
CA PHE A 145 8.93 -15.85 -18.14
C PHE A 145 8.89 -15.04 -19.44
N SER A 146 9.43 -13.84 -19.37
CA SER A 146 9.48 -12.91 -20.50
C SER A 146 10.05 -13.62 -21.71
N LEU A 147 11.29 -14.08 -21.59
CA LEU A 147 11.97 -14.77 -22.68
C LEU A 147 11.20 -16.02 -23.12
N TRP A 148 10.75 -16.84 -22.17
CA TRP A 148 9.99 -18.05 -22.49
C TRP A 148 8.75 -17.72 -23.29
N ALA A 149 8.08 -16.67 -22.88
CA ALA A 149 6.85 -16.24 -23.52
C ALA A 149 7.04 -15.91 -25.00
N MET A 150 7.96 -15.00 -25.31
CA MET A 150 8.16 -14.63 -26.70
C MET A 150 8.76 -15.78 -27.51
N GLU A 151 9.47 -16.67 -26.85
CA GLU A 151 10.04 -17.83 -27.50
C GLU A 151 8.88 -18.69 -28.01
N GLU A 152 7.90 -18.87 -27.14
CA GLU A 152 6.71 -19.65 -27.44
C GLU A 152 5.85 -18.99 -28.51
N ALA A 153 5.84 -17.65 -28.50
CA ALA A 153 5.08 -16.85 -29.44
C ALA A 153 5.72 -16.94 -30.81
N LYS A 154 7.05 -16.81 -30.84
CA LYS A 154 7.80 -16.88 -32.09
C LYS A 154 7.65 -18.28 -32.69
N ARG A 155 7.70 -19.28 -31.82
CA ARG A 155 7.56 -20.67 -32.22
C ARG A 155 6.19 -20.90 -32.86
N ARG A 156 5.30 -19.95 -32.66
CA ARG A 156 3.93 -20.04 -33.17
C ARG A 156 3.67 -18.97 -34.23
N GLY A 157 4.73 -18.31 -34.66
CA GLY A 157 4.59 -17.27 -35.66
C GLY A 157 3.78 -16.09 -35.15
N VAL A 158 3.97 -15.76 -33.88
CA VAL A 158 3.26 -14.66 -33.26
C VAL A 158 4.24 -13.49 -33.14
N ARG A 159 3.83 -12.33 -33.67
CA ARG A 159 4.68 -11.14 -33.62
C ARG A 159 4.88 -10.70 -32.16
N VAL A 160 6.12 -10.45 -31.76
CA VAL A 160 6.43 -10.02 -30.40
C VAL A 160 6.66 -8.51 -30.33
N SER A 161 5.82 -7.84 -29.55
CA SER A 161 5.86 -6.39 -29.37
C SER A 161 6.40 -6.12 -27.96
N LEU A 162 7.40 -5.25 -27.86
CA LEU A 162 7.99 -4.93 -26.57
C LEU A 162 8.19 -3.45 -26.31
N ASP A 163 7.64 -2.99 -25.19
CA ASP A 163 7.76 -1.60 -24.76
C ASP A 163 8.84 -1.60 -23.68
N VAL A 164 10.01 -1.08 -24.03
CA VAL A 164 11.15 -1.03 -23.12
C VAL A 164 10.77 -0.57 -21.72
N ASN A 165 10.21 0.62 -21.59
CA ASN A 165 9.82 1.11 -20.27
C ASN A 165 10.91 0.87 -19.24
N TYR A 166 12.07 1.50 -19.40
CA TYR A 166 13.15 1.28 -18.43
C TYR A 166 12.83 1.87 -17.04
N ARG A 167 12.64 0.98 -16.06
CA ARG A 167 12.33 1.40 -14.69
C ARG A 167 13.57 1.29 -13.83
N GLN A 168 14.18 2.44 -13.54
CA GLN A 168 15.39 2.49 -12.73
C GLN A 168 15.16 1.87 -11.34
N THR A 169 13.90 1.73 -10.96
CA THR A 169 13.54 1.16 -9.65
C THR A 169 13.93 -0.30 -9.64
N LEU A 170 13.56 -1.00 -10.70
CA LEU A 170 13.77 -2.42 -10.85
C LEU A 170 15.19 -2.91 -11.16
N TRP A 171 15.84 -2.30 -12.15
CA TRP A 171 17.19 -2.69 -12.54
C TRP A 171 17.99 -1.52 -13.10
N SER A 172 19.29 -1.75 -13.32
CA SER A 172 20.18 -0.73 -13.83
C SER A 172 20.18 -0.71 -15.36
N PRO A 173 20.68 0.38 -15.97
CA PRO A 173 20.74 0.50 -17.42
C PRO A 173 21.58 -0.61 -18.02
N GLU A 174 22.45 -1.19 -17.20
CA GLU A 174 23.31 -2.28 -17.63
C GLU A 174 22.51 -3.57 -17.75
N GLU A 175 21.76 -3.90 -16.71
CA GLU A 175 20.93 -5.10 -16.71
C GLU A 175 19.83 -4.97 -17.75
N ALA A 176 19.39 -3.73 -17.95
CA ALA A 176 18.35 -3.42 -18.92
C ALA A 176 18.98 -3.66 -20.29
N ARG A 177 20.18 -3.12 -20.47
CA ARG A 177 20.89 -3.29 -21.73
C ARG A 177 21.14 -4.78 -21.92
N GLY A 178 21.54 -5.47 -20.85
CA GLY A 178 21.79 -6.89 -20.93
C GLY A 178 20.58 -7.70 -21.36
N PHE A 179 19.44 -7.45 -20.73
CA PHE A 179 18.21 -8.15 -21.09
C PHE A 179 17.86 -7.88 -22.55
N LEU A 180 17.90 -6.61 -22.92
CA LEU A 180 17.59 -6.16 -24.27
C LEU A 180 18.42 -6.85 -25.34
N GLU A 181 19.74 -6.76 -25.20
CA GLU A 181 20.66 -7.37 -26.15
C GLU A 181 20.33 -8.85 -26.35
N ARG A 182 19.83 -9.49 -25.30
CA ARG A 182 19.48 -10.90 -25.36
C ARG A 182 18.08 -11.17 -25.93
N ALA A 183 17.13 -10.30 -25.59
CA ALA A 183 15.76 -10.44 -26.04
C ALA A 183 15.49 -9.90 -27.45
N LEU A 184 16.20 -8.85 -27.84
CA LEU A 184 16.00 -8.19 -29.13
C LEU A 184 15.80 -9.09 -30.36
N PRO A 185 16.55 -10.19 -30.46
CA PRO A 185 16.37 -11.06 -31.63
C PRO A 185 14.94 -11.63 -31.77
N GLY A 186 14.24 -11.78 -30.64
CA GLY A 186 12.88 -12.29 -30.68
C GLY A 186 11.82 -11.21 -30.82
N VAL A 187 12.27 -9.96 -30.89
CA VAL A 187 11.37 -8.81 -31.01
C VAL A 187 11.10 -8.34 -32.44
N ASP A 188 9.82 -8.08 -32.74
CA ASP A 188 9.42 -7.62 -34.07
C ASP A 188 8.96 -6.17 -34.07
N LEU A 189 8.53 -5.69 -32.91
CA LEU A 189 8.03 -4.33 -32.78
C LEU A 189 8.51 -3.77 -31.45
N LEU A 190 9.39 -2.80 -31.50
CA LEU A 190 9.95 -2.24 -30.29
C LEU A 190 9.53 -0.79 -30.04
N PHE A 191 8.84 -0.53 -28.94
CA PHE A 191 8.44 0.84 -28.62
C PHE A 191 9.49 1.37 -27.68
N LEU A 192 10.08 2.51 -28.06
CA LEU A 192 11.14 3.15 -27.29
C LEU A 192 10.99 4.67 -27.20
N SER A 193 11.43 5.27 -26.09
CA SER A 193 11.36 6.72 -25.94
C SER A 193 12.79 7.27 -26.08
N GLU A 194 12.91 8.55 -26.41
CA GLU A 194 14.22 9.15 -26.58
C GLU A 194 15.08 9.05 -25.33
N GLU A 195 14.53 9.44 -24.19
CA GLU A 195 15.25 9.40 -22.91
C GLU A 195 15.87 8.04 -22.67
N GLU A 196 15.10 6.99 -22.88
CA GLU A 196 15.57 5.62 -22.68
C GLU A 196 16.74 5.32 -23.60
N ALA A 197 16.60 5.68 -24.87
CA ALA A 197 17.66 5.44 -25.84
C ALA A 197 18.95 6.10 -25.34
N GLU A 198 18.84 7.35 -24.89
CA GLU A 198 19.99 8.10 -24.37
C GLU A 198 20.46 7.58 -23.03
N LEU A 199 19.50 7.30 -22.15
CA LEU A 199 19.79 6.81 -20.81
C LEU A 199 20.35 5.39 -20.84
N LEU A 200 20.25 4.73 -21.99
CA LEU A 200 20.72 3.36 -22.12
C LEU A 200 21.75 3.13 -23.24
N PHE A 201 21.96 4.13 -24.08
CA PHE A 201 22.94 3.97 -25.17
C PHE A 201 23.71 5.24 -25.49
N GLY A 202 23.57 6.25 -24.62
CA GLY A 202 24.28 7.51 -24.84
C GLY A 202 23.48 8.54 -25.60
N ARG A 203 23.01 8.17 -26.78
CA ARG A 203 22.21 9.09 -27.59
C ARG A 203 21.20 8.34 -28.45
N VAL A 204 20.07 9.01 -28.70
CA VAL A 204 18.97 8.47 -29.48
C VAL A 204 19.39 7.97 -30.87
N GLU A 205 20.70 7.95 -31.13
CA GLU A 205 21.20 7.49 -32.41
C GLU A 205 21.84 6.12 -32.29
N GLU A 206 22.71 5.97 -31.29
CA GLU A 206 23.39 4.69 -31.07
C GLU A 206 22.37 3.61 -30.75
N ALA A 207 21.43 3.94 -29.87
CA ALA A 207 20.40 3.00 -29.47
C ALA A 207 19.68 2.41 -30.69
N LEU A 208 19.55 3.19 -31.75
CA LEU A 208 18.86 2.74 -32.96
C LEU A 208 19.66 1.75 -33.82
N ARG A 209 20.98 1.80 -33.72
CA ARG A 209 21.82 0.87 -34.47
C ARG A 209 21.79 -0.43 -33.70
N ALA A 210 22.13 -0.33 -32.41
CA ALA A 210 22.15 -1.48 -31.52
C ALA A 210 20.82 -2.21 -31.51
N LEU A 211 19.77 -1.51 -31.07
CA LEU A 211 18.43 -2.07 -30.98
C LEU A 211 17.68 -1.98 -32.31
N SER A 212 18.17 -2.70 -33.32
CA SER A 212 17.53 -2.67 -34.62
C SER A 212 16.53 -3.82 -34.84
N ALA A 213 15.29 -3.60 -34.39
CA ALA A 213 14.22 -4.58 -34.53
C ALA A 213 13.50 -4.31 -35.86
N PRO A 214 12.77 -5.30 -36.39
CA PRO A 214 12.05 -5.15 -37.66
C PRO A 214 11.23 -3.84 -37.76
N GLU A 215 10.65 -3.42 -36.65
CA GLU A 215 9.86 -2.20 -36.60
C GLU A 215 10.08 -1.55 -35.24
N VAL A 216 10.67 -0.37 -35.26
CA VAL A 216 10.96 0.36 -34.04
C VAL A 216 10.24 1.69 -34.04
N VAL A 217 9.49 1.95 -32.98
CA VAL A 217 8.80 3.21 -32.86
C VAL A 217 9.47 3.99 -31.74
N LEU A 218 9.97 5.17 -32.07
CA LEU A 218 10.66 6.01 -31.09
C LEU A 218 9.80 7.21 -30.72
N LYS A 219 9.27 7.22 -29.50
CA LYS A 219 8.46 8.32 -29.00
C LYS A 219 9.41 9.45 -28.65
N ARG A 220 9.00 10.67 -28.99
CA ARG A 220 9.84 11.84 -28.75
C ARG A 220 9.05 12.95 -28.09
N GLY A 221 8.59 12.72 -26.86
CA GLY A 221 7.81 13.73 -26.17
C GLY A 221 6.72 14.26 -27.09
N ALA A 222 6.52 15.57 -27.07
CA ALA A 222 5.49 16.20 -27.92
C ALA A 222 5.96 16.40 -29.35
N LYS A 223 7.21 16.04 -29.63
CA LYS A 223 7.79 16.16 -30.95
C LYS A 223 7.33 15.00 -31.84
N GLY A 224 6.13 14.53 -31.58
CA GLY A 224 5.62 13.42 -32.36
C GLY A 224 6.30 12.10 -32.03
N ALA A 225 6.74 11.41 -33.08
CA ALA A 225 7.39 10.12 -32.92
C ALA A 225 7.81 9.64 -34.29
N TRP A 226 8.87 8.83 -34.33
CA TRP A 226 9.35 8.30 -35.59
C TRP A 226 9.10 6.81 -35.66
N ALA A 227 8.62 6.36 -36.81
CA ALA A 227 8.37 4.95 -37.01
C ALA A 227 9.36 4.44 -38.05
N PHE A 228 10.28 3.58 -37.62
CA PHE A 228 11.29 3.01 -38.50
C PHE A 228 10.89 1.62 -39.02
N VAL A 229 10.41 1.57 -40.25
CA VAL A 229 10.01 0.31 -40.85
C VAL A 229 10.54 0.28 -42.28
N ASP A 230 11.16 -0.83 -42.66
CA ASP A 230 11.70 -0.97 -44.01
C ASP A 230 12.60 0.17 -44.45
N GLY A 231 13.70 0.37 -43.73
CA GLY A 231 14.65 1.42 -44.06
C GLY A 231 14.02 2.80 -44.15
N ARG A 232 12.70 2.83 -44.00
CA ARG A 232 11.91 4.05 -44.08
C ARG A 232 11.74 4.65 -42.68
N ARG A 233 11.55 5.96 -42.60
CA ARG A 233 11.35 6.61 -41.30
C ARG A 233 10.16 7.55 -41.32
N VAL A 234 9.00 7.02 -40.97
CA VAL A 234 7.79 7.82 -40.94
C VAL A 234 7.76 8.65 -39.68
N GLU A 235 7.48 9.94 -39.85
CA GLU A 235 7.42 10.85 -38.73
C GLU A 235 5.96 11.07 -38.33
N GLY A 236 5.72 11.05 -37.03
CA GLY A 236 4.37 11.20 -36.53
C GLY A 236 3.93 12.61 -36.21
N SER A 237 2.61 12.76 -36.07
CA SER A 237 1.97 14.04 -35.77
C SER A 237 2.27 14.53 -34.35
N ALA A 238 2.83 15.74 -34.23
CA ALA A 238 3.13 16.31 -32.92
C ALA A 238 1.81 16.85 -32.36
N PHE A 239 1.62 16.75 -31.05
CA PHE A 239 0.38 17.27 -30.46
C PHE A 239 0.62 18.41 -29.48
N ALA A 240 -0.27 19.41 -29.55
CA ALA A 240 -0.21 20.60 -28.70
C ALA A 240 -1.25 20.56 -27.59
N VAL A 241 -1.27 19.47 -26.84
CA VAL A 241 -2.21 19.34 -25.74
C VAL A 241 -1.45 19.20 -24.43
N GLU A 242 -1.97 19.83 -23.37
CA GLU A 242 -1.32 19.79 -22.05
C GLU A 242 -1.67 18.54 -21.25
N ALA A 243 -0.64 17.89 -20.72
CA ALA A 243 -0.83 16.68 -19.94
C ALA A 243 -1.59 16.92 -18.65
N VAL A 244 -2.62 16.11 -18.42
CA VAL A 244 -3.41 16.19 -17.20
C VAL A 244 -2.79 15.19 -16.23
N ASP A 245 -2.66 13.97 -16.72
CA ASP A 245 -2.09 12.84 -15.99
C ASP A 245 -1.43 12.00 -17.07
N PRO A 246 -0.15 12.29 -17.38
CA PRO A 246 0.69 11.64 -18.38
C PRO A 246 1.04 10.16 -18.13
N VAL A 247 0.96 9.75 -16.88
CA VAL A 247 1.27 8.37 -16.48
C VAL A 247 1.04 7.23 -17.47
N GLY A 248 -0.21 6.98 -17.86
CA GLY A 248 -0.42 5.86 -18.77
C GLY A 248 -0.41 6.11 -20.26
N ALA A 249 0.03 7.30 -20.66
CA ALA A 249 0.05 7.70 -22.06
C ALA A 249 0.90 6.86 -23.02
N GLY A 250 2.09 6.45 -22.57
CA GLY A 250 2.94 5.63 -23.43
C GLY A 250 2.29 4.30 -23.82
N ASP A 251 1.56 3.72 -22.88
CA ASP A 251 0.88 2.44 -23.09
C ASP A 251 -0.30 2.62 -24.04
N ALA A 252 -0.99 3.75 -23.90
CA ALA A 252 -2.13 4.06 -24.75
C ALA A 252 -1.61 4.23 -26.17
N PHE A 253 -0.43 4.81 -26.26
CA PHE A 253 0.23 5.04 -27.54
C PHE A 253 0.53 3.69 -28.22
N ALA A 254 1.22 2.80 -27.52
CA ALA A 254 1.57 1.49 -28.07
C ALA A 254 0.31 0.74 -28.46
N ALA A 255 -0.70 0.79 -27.60
CA ALA A 255 -1.95 0.11 -27.85
C ALA A 255 -2.61 0.56 -29.15
N GLY A 256 -2.60 1.88 -29.38
CA GLY A 256 -3.18 2.40 -30.61
C GLY A 256 -2.40 1.96 -31.82
N TYR A 257 -1.07 1.93 -31.68
CA TYR A 257 -0.19 1.53 -32.76
C TYR A 257 -0.45 0.07 -33.09
N LEU A 258 -0.66 -0.74 -32.04
CA LEU A 258 -0.95 -2.16 -32.17
C LEU A 258 -2.31 -2.39 -32.83
N ALA A 259 -3.32 -1.64 -32.37
CA ALA A 259 -4.63 -1.75 -32.97
C ALA A 259 -4.48 -1.43 -34.45
N GLY A 260 -3.72 -0.37 -34.75
CA GLY A 260 -3.49 0.03 -36.13
C GLY A 260 -2.83 -1.10 -36.92
N ALA A 261 -1.86 -1.76 -36.29
CA ALA A 261 -1.16 -2.89 -36.92
C ALA A 261 -2.12 -4.06 -37.11
N VAL A 262 -2.75 -4.49 -36.02
CA VAL A 262 -3.70 -5.59 -36.07
C VAL A 262 -4.74 -5.36 -37.18
N TRP A 263 -5.05 -4.10 -37.47
CA TRP A 263 -6.01 -3.79 -38.52
C TRP A 263 -5.32 -3.63 -39.87
N GLY A 264 -3.99 -3.78 -39.88
CA GLY A 264 -3.24 -3.65 -41.12
C GLY A 264 -3.34 -2.27 -41.76
N LEU A 265 -3.09 -1.24 -40.96
CA LEU A 265 -3.13 0.13 -41.45
C LEU A 265 -1.72 0.60 -41.74
N PRO A 266 -1.60 1.55 -42.68
CA PRO A 266 -0.29 2.08 -43.05
C PRO A 266 0.37 2.72 -41.83
N VAL A 267 1.70 2.69 -41.79
CA VAL A 267 2.44 3.26 -40.67
C VAL A 267 1.96 4.66 -40.30
N GLU A 268 1.52 5.42 -41.29
CA GLU A 268 1.02 6.78 -41.06
C GLU A 268 -0.21 6.76 -40.15
N GLU A 269 -1.09 5.79 -40.40
CA GLU A 269 -2.31 5.64 -39.63
C GLU A 269 -2.07 5.04 -38.25
N ARG A 270 -1.10 4.12 -38.15
CA ARG A 270 -0.77 3.52 -36.87
C ARG A 270 -0.30 4.62 -35.93
N LEU A 271 0.50 5.53 -36.47
CA LEU A 271 1.01 6.63 -35.70
C LEU A 271 -0.11 7.59 -35.34
N ARG A 272 -1.00 7.84 -36.28
CA ARG A 272 -2.12 8.74 -36.06
C ARG A 272 -2.99 8.16 -34.94
N LEU A 273 -3.20 6.85 -35.01
CA LEU A 273 -4.00 6.13 -34.05
C LEU A 273 -3.30 6.05 -32.70
N ALA A 274 -1.98 5.86 -32.75
CA ALA A 274 -1.17 5.76 -31.56
C ALA A 274 -1.16 7.11 -30.82
N ASN A 275 -0.97 8.19 -31.58
CA ASN A 275 -0.95 9.55 -31.01
C ASN A 275 -2.31 9.95 -30.47
N LEU A 276 -3.36 9.44 -31.11
CA LEU A 276 -4.71 9.72 -30.68
C LEU A 276 -5.00 9.10 -29.31
N LEU A 277 -4.67 7.82 -29.17
CA LEU A 277 -4.88 7.08 -27.94
C LEU A 277 -4.07 7.70 -26.81
N GLY A 278 -2.79 7.97 -27.10
CA GLY A 278 -1.90 8.57 -26.11
C GLY A 278 -2.36 9.91 -25.56
N ALA A 279 -2.93 10.75 -26.43
CA ALA A 279 -3.42 12.08 -26.07
C ALA A 279 -4.70 12.01 -25.23
N SER A 280 -5.61 11.12 -25.62
CA SER A 280 -6.87 10.96 -24.90
C SER A 280 -6.60 10.48 -23.47
N VAL A 281 -5.55 9.69 -23.29
CA VAL A 281 -5.19 9.17 -21.98
C VAL A 281 -4.45 10.22 -21.18
N ALA A 282 -3.56 10.93 -21.87
CA ALA A 282 -2.77 11.99 -21.23
C ALA A 282 -3.70 13.09 -20.72
N ALA A 283 -4.81 13.30 -21.42
CA ALA A 283 -5.80 14.33 -21.06
C ALA A 283 -6.77 13.88 -19.99
N SER A 284 -6.62 12.65 -19.50
CA SER A 284 -7.51 12.12 -18.47
C SER A 284 -6.76 11.68 -17.23
N ARG A 285 -7.50 11.54 -16.14
CA ARG A 285 -6.95 11.10 -14.87
C ARG A 285 -6.97 9.57 -14.91
N GLY A 286 -6.18 8.92 -14.07
CA GLY A 286 -6.15 7.47 -14.07
C GLY A 286 -5.03 6.96 -14.96
N ASP A 287 -4.79 5.66 -14.90
CA ASP A 287 -3.74 5.03 -15.69
C ASP A 287 -4.16 4.81 -17.13
N HIS A 288 -5.37 4.30 -17.33
CA HIS A 288 -5.87 4.06 -18.68
C HIS A 288 -7.26 4.66 -18.88
N GLU A 289 -7.72 5.43 -17.91
CA GLU A 289 -9.02 6.08 -18.04
C GLU A 289 -8.78 7.11 -19.14
N GLY A 290 -9.73 7.27 -20.04
CA GLY A 290 -9.53 8.24 -21.10
C GLY A 290 -9.29 7.56 -22.42
N ALA A 291 -8.90 6.29 -22.38
CA ALA A 291 -8.66 5.54 -23.61
C ALA A 291 -10.00 5.44 -24.37
N PRO A 292 -10.01 5.82 -25.66
CA PRO A 292 -11.24 5.77 -26.45
C PRO A 292 -11.86 4.40 -26.80
N TYR A 293 -13.15 4.45 -27.13
CA TYR A 293 -13.90 3.29 -27.55
C TYR A 293 -13.97 3.31 -29.07
N ARG A 294 -14.11 2.14 -29.67
CA ARG A 294 -14.19 2.06 -31.12
C ARG A 294 -15.23 3.04 -31.67
N GLU A 295 -16.40 3.07 -31.05
CA GLU A 295 -17.49 3.96 -31.47
C GLU A 295 -17.09 5.43 -31.57
N ASP A 296 -15.98 5.77 -30.91
CA ASP A 296 -15.43 7.12 -30.90
C ASP A 296 -14.58 7.36 -32.15
N LEU A 297 -13.86 6.32 -32.58
CA LEU A 297 -13.04 6.42 -33.76
C LEU A 297 -13.96 6.39 -34.97
N GLU A 298 -15.14 5.79 -34.79
CA GLU A 298 -16.13 5.70 -35.85
C GLU A 298 -16.65 7.10 -36.14
N VAL A 299 -17.05 7.79 -35.09
CA VAL A 299 -17.59 9.14 -35.20
C VAL A 299 -16.54 10.16 -35.62
N LEU A 300 -15.37 10.13 -34.99
CA LEU A 300 -14.30 11.06 -35.35
C LEU A 300 -13.84 10.78 -36.78
N LEU A 301 -14.35 9.71 -37.37
CA LEU A 301 -14.01 9.30 -38.73
C LEU A 301 -15.03 9.83 -39.73
N LYS A 302 -16.25 9.57 -39.54
N MET B 1 9.00 17.82 32.06
CA MET B 1 9.51 16.43 31.90
C MET B 1 8.39 15.48 31.46
N LEU B 2 8.76 14.46 30.69
CA LEU B 2 7.79 13.49 30.19
C LEU B 2 7.08 12.66 31.24
N GLU B 3 5.79 12.50 31.03
CA GLU B 3 4.96 11.72 31.92
C GLU B 3 4.76 10.34 31.30
N VAL B 4 4.66 10.29 29.97
CA VAL B 4 4.45 9.01 29.30
C VAL B 4 5.28 8.83 28.04
N VAL B 5 5.77 7.61 27.83
CA VAL B 5 6.54 7.30 26.64
C VAL B 5 5.97 6.03 26.02
N THR B 6 5.60 6.11 24.75
CA THR B 6 5.04 4.98 24.05
C THR B 6 5.91 4.76 22.82
N ALA B 7 5.91 3.55 22.30
CA ALA B 7 6.71 3.24 21.13
C ALA B 7 6.06 2.15 20.30
N GLY B 8 6.39 2.14 19.01
CA GLY B 8 5.83 1.15 18.12
C GLY B 8 6.04 1.56 16.68
N GLU B 9 5.22 1.00 15.78
CA GLU B 9 5.32 1.33 14.38
C GLU B 9 4.10 2.05 13.87
N PRO B 10 4.26 3.32 13.46
CA PRO B 10 3.08 4.03 12.95
C PRO B 10 2.69 3.48 11.57
N LEU B 11 1.39 3.53 11.27
CA LEU B 11 0.87 3.05 10.00
C LEU B 11 -0.04 4.12 9.41
N VAL B 12 -0.21 4.09 8.10
CA VAL B 12 -1.11 5.03 7.43
C VAL B 12 -2.34 4.21 7.02
N ALA B 13 -3.52 4.67 7.44
CA ALA B 13 -4.78 3.98 7.15
C ALA B 13 -5.55 4.48 5.92
N LEU B 14 -5.93 3.54 5.06
CA LEU B 14 -6.71 3.82 3.85
C LEU B 14 -8.12 3.22 4.03
N VAL B 15 -9.09 4.06 4.33
CA VAL B 15 -10.46 3.62 4.58
C VAL B 15 -11.50 4.19 3.63
N PRO B 16 -12.49 3.37 3.27
CA PRO B 16 -13.52 3.91 2.36
C PRO B 16 -14.44 4.89 3.13
N GLN B 17 -15.15 5.74 2.40
CA GLN B 17 -16.04 6.71 3.02
C GLN B 17 -17.32 6.14 3.62
N GLU B 18 -17.69 4.93 3.21
CA GLU B 18 -18.88 4.30 3.78
C GLU B 18 -18.74 2.79 3.75
N PRO B 19 -19.72 2.07 4.33
CA PRO B 19 -19.71 0.61 4.36
C PRO B 19 -19.60 0.03 2.95
N GLY B 20 -19.19 -1.23 2.86
CA GLY B 20 -19.10 -1.83 1.55
C GLY B 20 -17.75 -2.45 1.29
N HIS B 21 -17.71 -3.34 0.30
CA HIS B 21 -16.49 -4.02 -0.08
C HIS B 21 -15.52 -3.06 -0.71
N LEU B 22 -14.31 -3.13 -0.20
CA LEU B 22 -13.22 -2.31 -0.67
C LEU B 22 -13.09 -2.38 -2.20
N ARG B 23 -13.40 -3.54 -2.78
CA ARG B 23 -13.27 -3.73 -4.22
C ARG B 23 -14.13 -2.79 -5.05
N GLY B 24 -15.22 -2.31 -4.47
CA GLY B 24 -16.09 -1.40 -5.21
C GLY B 24 -15.82 0.08 -4.95
N LYS B 25 -14.90 0.41 -4.06
CA LYS B 25 -14.63 1.81 -3.77
C LYS B 25 -13.70 2.41 -4.80
N ARG B 26 -13.86 3.71 -5.06
CA ARG B 26 -13.01 4.42 -6.00
C ARG B 26 -12.33 5.62 -5.32
N LEU B 27 -12.63 5.81 -4.03
CA LEU B 27 -12.08 6.88 -3.22
C LEU B 27 -11.75 6.35 -1.83
N LEU B 28 -10.60 6.74 -1.29
CA LEU B 28 -10.22 6.30 0.03
C LEU B 28 -9.76 7.45 0.91
N GLU B 29 -10.10 7.38 2.18
CA GLU B 29 -9.70 8.40 3.14
C GLU B 29 -8.38 8.03 3.79
N VAL B 30 -7.53 9.03 4.00
CA VAL B 30 -6.21 8.81 4.59
C VAL B 30 -6.16 9.27 6.05
N TYR B 31 -5.63 8.39 6.90
CA TYR B 31 -5.51 8.63 8.33
C TYR B 31 -4.17 8.12 8.84
N VAL B 32 -3.78 8.65 10.00
CA VAL B 32 -2.55 8.23 10.63
C VAL B 32 -2.98 7.26 11.74
N GLY B 33 -2.42 6.06 11.71
CA GLY B 33 -2.76 5.06 12.69
C GLY B 33 -1.57 4.42 13.37
N GLY B 34 -1.84 3.33 14.07
CA GLY B 34 -0.80 2.63 14.80
C GLY B 34 -1.21 2.67 16.27
N ALA B 35 -1.37 1.50 16.87
CA ALA B 35 -1.77 1.38 18.27
C ALA B 35 -1.16 2.41 19.22
N GLU B 36 0.17 2.43 19.30
CA GLU B 36 0.85 3.36 20.20
C GLU B 36 0.78 4.78 19.70
N VAL B 37 0.65 4.93 18.39
CA VAL B 37 0.53 6.26 17.81
C VAL B 37 -0.81 6.83 18.26
N ASN B 38 -1.84 5.98 18.26
CA ASN B 38 -3.17 6.44 18.66
C ASN B 38 -3.19 6.83 20.13
N VAL B 39 -2.45 6.09 20.96
CA VAL B 39 -2.38 6.35 22.39
C VAL B 39 -1.64 7.66 22.68
N ALA B 40 -0.54 7.88 21.95
CA ALA B 40 0.26 9.08 22.11
C ALA B 40 -0.55 10.32 21.76
N VAL B 41 -1.33 10.24 20.69
CA VAL B 41 -2.15 11.37 20.27
C VAL B 41 -3.25 11.65 21.29
N ALA B 42 -3.92 10.61 21.76
CA ALA B 42 -4.99 10.78 22.74
C ALA B 42 -4.50 11.38 24.05
N LEU B 43 -3.31 10.98 24.48
CA LEU B 43 -2.74 11.50 25.72
C LEU B 43 -2.36 12.95 25.49
N ALA B 44 -1.65 13.19 24.39
CA ALA B 44 -1.23 14.52 24.03
C ALA B 44 -2.39 15.51 23.97
N ARG B 45 -3.56 15.06 23.50
CA ARG B 45 -4.73 15.96 23.40
C ARG B 45 -5.35 16.26 24.75
N LEU B 46 -5.04 15.41 25.74
CA LEU B 46 -5.55 15.55 27.09
C LEU B 46 -4.66 16.39 28.00
N GLY B 47 -3.48 16.76 27.52
CA GLY B 47 -2.60 17.56 28.32
C GLY B 47 -1.47 16.77 28.95
N VAL B 48 -1.44 15.47 28.69
CA VAL B 48 -0.39 14.61 29.22
C VAL B 48 0.84 14.77 28.35
N LYS B 49 2.00 14.96 28.99
CA LYS B 49 3.26 15.10 28.28
C LYS B 49 3.64 13.72 27.82
N VAL B 50 3.63 13.51 26.51
CA VAL B 50 3.96 12.21 25.97
C VAL B 50 5.06 12.26 24.93
N GLY B 51 5.83 11.19 24.86
CA GLY B 51 6.89 11.10 23.88
C GLY B 51 6.60 9.85 23.08
N PHE B 52 6.94 9.86 21.80
CA PHE B 52 6.71 8.67 20.97
C PHE B 52 8.02 8.27 20.32
N VAL B 53 8.38 7.00 20.48
CA VAL B 53 9.61 6.49 19.91
C VAL B 53 9.29 5.60 18.71
N GLY B 54 9.96 5.84 17.60
CA GLY B 54 9.70 5.03 16.44
C GLY B 54 10.36 5.56 15.18
N ARG B 55 10.03 4.93 14.05
CA ARG B 55 10.57 5.30 12.76
C ARG B 55 9.54 5.19 11.66
N VAL B 56 9.67 6.08 10.68
CA VAL B 56 8.81 6.06 9.49
C VAL B 56 9.80 6.13 8.35
N GLY B 57 9.33 5.90 7.12
CA GLY B 57 10.23 5.95 5.98
C GLY B 57 10.47 7.38 5.49
N GLU B 58 11.43 7.55 4.60
CA GLU B 58 11.71 8.86 4.06
C GLU B 58 10.79 9.12 2.86
N ASP B 59 9.51 8.84 3.04
CA ASP B 59 8.56 9.04 1.97
C ASP B 59 7.44 10.01 2.37
N GLU B 60 6.54 10.32 1.43
CA GLU B 60 5.45 11.24 1.71
C GLU B 60 4.57 10.80 2.85
N LEU B 61 4.36 9.49 2.97
CA LEU B 61 3.52 8.97 4.06
C LEU B 61 4.17 9.11 5.43
N GLY B 62 5.50 9.04 5.48
CA GLY B 62 6.21 9.19 6.73
C GLY B 62 6.17 10.64 7.18
N ALA B 63 6.31 11.54 6.21
CA ALA B 63 6.26 12.99 6.47
C ALA B 63 4.89 13.33 7.04
N MET B 64 3.87 12.61 6.57
CA MET B 64 2.52 12.82 7.05
C MET B 64 2.34 12.39 8.50
N VAL B 65 2.96 11.27 8.85
CA VAL B 65 2.91 10.74 10.21
C VAL B 65 3.59 11.74 11.14
N GLU B 66 4.74 12.26 10.73
CA GLU B 66 5.47 13.19 11.56
C GLU B 66 4.77 14.52 11.77
N GLU B 67 4.16 15.06 10.72
CA GLU B 67 3.44 16.33 10.86
C GLU B 67 2.34 16.16 11.90
N ARG B 68 1.61 15.04 11.82
CA ARG B 68 0.52 14.76 12.75
C ARG B 68 1.02 14.64 14.19
N LEU B 69 2.11 13.92 14.40
CA LEU B 69 2.64 13.74 15.74
C LEU B 69 3.14 15.07 16.31
N ARG B 70 3.65 15.91 15.43
CA ARG B 70 4.17 17.20 15.82
C ARG B 70 3.06 18.24 16.03
N ALA B 71 2.06 18.21 15.14
CA ALA B 71 0.94 19.14 15.24
C ALA B 71 0.22 18.91 16.54
N GLU B 72 0.14 17.64 16.95
CA GLU B 72 -0.53 17.24 18.19
C GLU B 72 0.32 17.49 19.43
N GLY B 73 1.61 17.78 19.24
CA GLY B 73 2.48 18.07 20.37
C GLY B 73 3.16 16.89 21.05
N VAL B 74 3.37 15.80 20.32
CA VAL B 74 4.03 14.65 20.90
C VAL B 74 5.53 14.93 20.87
N ASP B 75 6.30 14.31 21.77
CA ASP B 75 7.75 14.51 21.79
C ASP B 75 8.37 13.51 20.82
N LEU B 76 9.16 14.02 19.88
CA LEU B 76 9.75 13.17 18.87
C LEU B 76 11.26 13.17 18.96
N THR B 77 11.76 13.34 20.18
CA THR B 77 13.19 13.33 20.43
C THR B 77 13.79 12.09 19.79
N HIS B 78 13.07 10.99 19.90
CA HIS B 78 13.56 9.75 19.34
C HIS B 78 12.71 9.19 18.22
N PHE B 79 11.97 10.09 17.56
CA PHE B 79 11.16 9.69 16.41
C PHE B 79 11.73 10.40 15.18
N ARG B 80 11.94 9.66 14.10
CA ARG B 80 12.47 10.26 12.90
C ARG B 80 12.21 9.40 11.69
N ARG B 81 12.30 10.02 10.50
CA ARG B 81 12.12 9.30 9.25
C ARG B 81 13.51 8.75 8.97
N ALA B 82 13.57 7.58 8.37
CA ALA B 82 14.84 6.97 8.06
C ALA B 82 14.69 6.20 6.77
N PRO B 83 15.80 5.92 6.07
CA PRO B 83 15.73 5.18 4.80
C PRO B 83 14.72 4.04 4.90
N GLY B 84 13.91 3.87 3.87
CA GLY B 84 12.89 2.84 3.89
C GLY B 84 11.50 3.43 3.70
N PHE B 85 10.49 2.58 3.73
CA PHE B 85 9.14 3.09 3.52
C PHE B 85 8.28 3.07 4.78
N THR B 86 7.21 3.87 4.72
CA THR B 86 6.24 3.95 5.80
C THR B 86 5.17 2.90 5.49
N GLY B 87 4.80 2.11 6.49
CA GLY B 87 3.80 1.08 6.28
C GLY B 87 2.40 1.64 6.18
N LEU B 88 1.54 0.94 5.44
CA LEU B 88 0.15 1.37 5.29
C LEU B 88 -0.74 0.15 5.34
N TYR B 89 -2.04 0.39 5.41
CA TYR B 89 -2.99 -0.71 5.40
C TYR B 89 -4.35 -0.25 4.94
N LEU B 90 -5.14 -1.19 4.43
CA LEU B 90 -6.47 -0.88 3.96
C LEU B 90 -7.51 -1.59 4.78
N ARG B 91 -8.56 -0.85 5.10
CA ARG B 91 -9.64 -1.34 5.93
C ARG B 91 -10.94 -1.27 5.09
N GLU B 92 -11.90 -2.12 5.41
CA GLU B 92 -13.19 -2.11 4.71
C GLU B 92 -14.21 -2.54 5.73
N TYR B 93 -15.32 -1.84 5.85
CA TYR B 93 -16.33 -2.29 6.80
C TYR B 93 -17.64 -2.62 6.10
N LEU B 94 -17.99 -3.90 6.13
CA LEU B 94 -19.18 -4.42 5.47
C LEU B 94 -20.53 -4.00 6.07
N PRO B 95 -21.55 -3.87 5.21
CA PRO B 95 -22.91 -3.47 5.59
C PRO B 95 -23.40 -4.05 6.91
N LEU B 96 -23.30 -5.36 7.06
CA LEU B 96 -23.76 -6.01 8.27
C LEU B 96 -22.71 -6.20 9.38
N GLY B 97 -21.62 -5.45 9.32
CA GLY B 97 -20.61 -5.53 10.37
C GLY B 97 -19.37 -6.41 10.26
N GLN B 98 -19.24 -7.19 9.19
CA GLN B 98 -18.08 -8.07 9.03
C GLN B 98 -16.96 -7.34 8.27
N GLY B 99 -16.03 -6.74 9.00
CA GLY B 99 -14.95 -6.01 8.34
C GLY B 99 -13.68 -6.81 8.06
N ARG B 100 -12.81 -6.27 7.20
CA ARG B 100 -11.55 -6.92 6.85
C ARG B 100 -10.40 -5.91 6.70
N VAL B 101 -9.17 -6.36 6.97
CA VAL B 101 -7.97 -5.51 6.91
C VAL B 101 -6.81 -6.10 6.08
N PHE B 102 -6.16 -5.25 5.28
CA PHE B 102 -5.05 -5.68 4.44
C PHE B 102 -3.78 -4.85 4.71
N TYR B 103 -2.67 -5.53 4.98
CA TYR B 103 -1.42 -4.86 5.28
C TYR B 103 -0.36 -4.78 4.19
N TYR B 104 0.37 -3.66 4.21
CA TYR B 104 1.46 -3.33 3.31
C TYR B 104 2.46 -2.62 4.22
N ARG B 105 2.96 -3.36 5.22
CA ARG B 105 3.89 -2.79 6.18
C ARG B 105 5.15 -3.64 6.36
N LYS B 106 5.09 -4.88 5.86
CA LYS B 106 6.20 -5.81 6.00
C LYS B 106 7.51 -5.23 5.44
N GLY B 107 8.50 -5.08 6.33
CA GLY B 107 9.78 -4.55 5.94
C GLY B 107 9.88 -3.03 5.91
N SER B 108 8.98 -2.36 6.62
CA SER B 108 8.98 -0.90 6.67
C SER B 108 10.02 -0.37 7.64
N ALA B 109 10.38 0.89 7.45
CA ALA B 109 11.36 1.56 8.30
C ALA B 109 10.97 1.45 9.77
N GLY B 110 9.68 1.60 10.05
CA GLY B 110 9.21 1.53 11.43
C GLY B 110 9.17 0.15 12.05
N SER B 111 9.24 -0.89 11.22
CA SER B 111 9.19 -2.26 11.71
C SER B 111 10.56 -2.67 12.27
N ALA B 112 11.57 -1.84 11.98
CA ALA B 112 12.93 -2.08 12.43
C ALA B 112 13.03 -2.22 13.96
N LEU B 113 13.00 -1.08 14.65
CA LEU B 113 13.09 -1.01 16.11
C LEU B 113 13.78 -2.21 16.78
N ALA B 114 15.06 -2.05 17.08
CA ALA B 114 15.82 -3.10 17.73
C ALA B 114 16.27 -2.55 19.09
N PRO B 115 16.76 -3.42 19.99
CA PRO B 115 17.20 -2.93 21.30
C PRO B 115 18.22 -1.79 21.22
N GLY B 116 17.89 -0.68 21.87
CA GLY B 116 18.76 0.49 21.86
C GLY B 116 18.22 1.53 20.90
N ALA B 117 17.03 1.27 20.35
CA ALA B 117 16.36 2.15 19.39
C ALA B 117 16.31 3.60 19.83
N PHE B 118 16.64 3.86 21.08
CA PHE B 118 16.65 5.21 21.60
C PHE B 118 17.53 5.24 22.85
N ASP B 119 17.58 6.41 23.50
CA ASP B 119 18.38 6.58 24.69
C ASP B 119 17.55 6.36 25.95
N PRO B 120 17.82 5.28 26.70
CA PRO B 120 17.11 4.95 27.93
C PRO B 120 16.98 6.07 28.97
N ASP B 121 17.87 7.04 28.93
CA ASP B 121 17.80 8.15 29.87
C ASP B 121 16.59 9.03 29.55
N TYR B 122 15.95 8.71 28.43
CA TYR B 122 14.76 9.41 27.96
C TYR B 122 13.64 9.05 28.92
N LEU B 123 13.58 7.76 29.27
CA LEU B 123 12.59 7.18 30.18
C LEU B 123 12.71 7.69 31.60
N GLU B 124 13.90 8.11 31.96
CA GLU B 124 14.15 8.63 33.29
C GLU B 124 13.12 9.70 33.65
N GLY B 125 12.54 9.57 34.84
CA GLY B 125 11.54 10.52 35.31
C GLY B 125 10.14 10.27 34.80
N VAL B 126 10.01 9.38 33.82
CA VAL B 126 8.71 9.09 33.23
C VAL B 126 7.85 8.10 34.02
N ARG B 127 6.58 8.46 34.18
CA ARG B 127 5.61 7.65 34.91
C ARG B 127 5.31 6.33 34.23
N PHE B 128 4.99 6.38 32.93
CA PHE B 128 4.67 5.16 32.21
C PHE B 128 5.40 4.91 30.93
N LEU B 129 5.48 3.63 30.60
CA LEU B 129 6.08 3.18 29.35
C LEU B 129 5.05 2.25 28.75
N HIS B 130 4.26 2.77 27.82
CA HIS B 130 3.23 1.96 27.17
C HIS B 130 3.69 1.29 25.90
N LEU B 131 3.33 0.02 25.76
CA LEU B 131 3.68 -0.76 24.59
C LEU B 131 2.45 -1.56 24.19
N SER B 132 2.47 -2.07 22.97
CA SER B 132 1.36 -2.85 22.44
C SER B 132 1.92 -4.17 21.95
N GLY B 133 1.13 -5.23 22.08
CA GLY B 133 1.56 -6.54 21.66
C GLY B 133 1.81 -6.70 20.17
N ILE B 134 1.51 -5.67 19.41
CA ILE B 134 1.71 -5.71 17.96
C ILE B 134 3.20 -5.60 17.65
N THR B 135 3.86 -4.69 18.37
CA THR B 135 5.29 -4.43 18.19
C THR B 135 6.20 -5.66 18.27
N PRO B 136 6.21 -6.37 19.42
CA PRO B 136 7.07 -7.56 19.55
C PRO B 136 6.73 -8.66 18.56
N ALA B 137 5.55 -8.57 17.95
CA ALA B 137 5.11 -9.58 16.99
C ALA B 137 5.55 -9.25 15.56
N LEU B 138 6.03 -8.02 15.36
CA LEU B 138 6.48 -7.57 14.05
C LEU B 138 7.71 -8.31 13.54
N SER B 139 8.76 -8.34 14.37
CA SER B 139 10.00 -9.02 14.01
C SER B 139 10.76 -9.44 15.26
N PRO B 140 11.84 -10.22 15.08
CA PRO B 140 12.62 -10.67 16.24
C PRO B 140 13.28 -9.48 16.92
N GLU B 141 13.68 -8.50 16.11
CA GLU B 141 14.34 -7.31 16.62
C GLU B 141 13.39 -6.57 17.55
N ALA B 142 12.16 -6.38 17.08
CA ALA B 142 11.14 -5.67 17.86
C ALA B 142 10.79 -6.44 19.13
N ARG B 143 10.69 -7.76 19.01
CA ARG B 143 10.37 -8.60 20.15
C ARG B 143 11.44 -8.36 21.21
N ALA B 144 12.66 -8.13 20.72
CA ALA B 144 13.82 -7.87 21.58
C ALA B 144 13.75 -6.43 22.10
N PHE B 145 13.33 -5.52 21.24
CA PHE B 145 13.21 -4.11 21.60
C PHE B 145 12.27 -3.97 22.79
N SER B 146 11.12 -4.63 22.69
CA SER B 146 10.10 -4.59 23.73
C SER B 146 10.67 -4.93 25.09
N LEU B 147 11.19 -6.14 25.21
CA LEU B 147 11.78 -6.63 26.44
C LEU B 147 12.86 -5.66 26.93
N TRP B 148 13.76 -5.28 26.04
CA TRP B 148 14.82 -4.36 26.42
C TRP B 148 14.23 -3.07 26.97
N ALA B 149 13.23 -2.55 26.27
CA ALA B 149 12.57 -1.31 26.64
C ALA B 149 11.93 -1.28 28.02
N MET B 150 11.08 -2.26 28.31
CA MET B 150 10.42 -2.30 29.61
C MET B 150 11.40 -2.63 30.71
N GLU B 151 12.47 -3.33 30.37
CA GLU B 151 13.51 -3.67 31.34
C GLU B 151 14.25 -2.40 31.73
N GLU B 152 14.52 -1.56 30.73
CA GLU B 152 15.23 -0.31 30.92
C GLU B 152 14.31 0.71 31.59
N ALA B 153 13.01 0.45 31.57
CA ALA B 153 12.02 1.34 32.19
C ALA B 153 11.89 0.95 33.66
N LYS B 154 11.96 -0.36 33.91
CA LYS B 154 11.87 -0.86 35.27
C LYS B 154 13.12 -0.36 35.97
N ARG B 155 14.26 -0.58 35.31
CA ARG B 155 15.54 -0.15 35.84
C ARG B 155 15.49 1.35 36.15
N ARG B 156 14.55 2.07 35.54
CA ARG B 156 14.38 3.51 35.76
C ARG B 156 13.25 3.81 36.73
N GLY B 157 12.61 2.74 37.24
CA GLY B 157 11.50 2.94 38.15
C GLY B 157 10.32 3.52 37.41
N VAL B 158 10.06 2.98 36.22
CA VAL B 158 8.94 3.41 35.38
C VAL B 158 7.96 2.25 35.22
N ARG B 159 6.68 2.54 35.45
CA ARG B 159 5.64 1.51 35.32
C ARG B 159 5.45 1.15 33.86
N VAL B 160 5.33 -0.15 33.60
CA VAL B 160 5.14 -0.66 32.25
C VAL B 160 3.66 -0.98 32.02
N SER B 161 3.13 -0.36 30.97
CA SER B 161 1.74 -0.54 30.57
C SER B 161 1.76 -1.30 29.26
N LEU B 162 1.05 -2.42 29.21
CA LEU B 162 1.02 -3.22 27.99
C LEU B 162 -0.39 -3.55 27.54
N ASP B 163 -0.64 -3.34 26.25
CA ASP B 163 -1.94 -3.65 25.66
C ASP B 163 -1.75 -4.88 24.77
N VAL B 164 -2.14 -6.05 25.29
CA VAL B 164 -2.00 -7.30 24.57
C VAL B 164 -2.15 -7.19 23.05
N ASN B 165 -3.29 -6.69 22.57
CA ASN B 165 -3.48 -6.52 21.13
C ASN B 165 -3.12 -7.75 20.32
N TYR B 166 -3.71 -8.91 20.63
CA TYR B 166 -3.36 -10.11 19.89
C TYR B 166 -3.67 -10.05 18.39
N ARG B 167 -2.63 -9.82 17.59
CA ARG B 167 -2.78 -9.79 16.15
C ARG B 167 -2.40 -11.16 15.62
N GLN B 168 -3.42 -11.88 15.15
CA GLN B 168 -3.27 -13.23 14.63
C GLN B 168 -2.48 -13.24 13.32
N THR B 169 -2.30 -12.06 12.74
CA THR B 169 -1.56 -11.92 11.49
C THR B 169 -0.06 -11.98 11.80
N LEU B 170 0.32 -11.36 12.92
CA LEU B 170 1.72 -11.29 13.36
C LEU B 170 2.24 -12.61 13.94
N TRP B 171 1.46 -13.23 14.83
CA TRP B 171 1.86 -14.50 15.42
C TRP B 171 0.71 -15.32 16.00
N SER B 172 0.99 -16.61 16.22
CA SER B 172 0.03 -17.57 16.74
C SER B 172 -0.16 -17.41 18.25
N PRO B 173 -1.27 -17.92 18.78
CA PRO B 173 -1.58 -17.83 20.21
C PRO B 173 -0.45 -18.40 21.08
N GLU B 174 0.29 -19.34 20.52
CA GLU B 174 1.40 -19.99 21.20
C GLU B 174 2.55 -19.03 21.45
N GLU B 175 3.00 -18.38 20.38
CA GLU B 175 4.09 -17.41 20.45
C GLU B 175 3.67 -16.22 21.30
N ALA B 176 2.38 -15.87 21.19
CA ALA B 176 1.80 -14.79 21.94
C ALA B 176 1.95 -15.16 23.42
N ARG B 177 1.45 -16.33 23.78
CA ARG B 177 1.55 -16.82 25.15
C ARG B 177 3.02 -16.80 25.58
N GLY B 178 3.90 -17.27 24.70
CA GLY B 178 5.32 -17.29 25.01
C GLY B 178 5.82 -15.92 25.42
N PHE B 179 5.71 -14.94 24.53
CA PHE B 179 6.16 -13.59 24.82
C PHE B 179 5.62 -13.09 26.15
N LEU B 180 4.31 -13.25 26.34
CA LEU B 180 3.63 -12.83 27.56
C LEU B 180 4.24 -13.56 28.76
N GLU B 181 4.45 -14.86 28.60
CA GLU B 181 5.02 -15.69 29.64
C GLU B 181 6.34 -15.08 30.09
N ARG B 182 7.13 -14.59 29.14
CA ARG B 182 8.41 -13.99 29.45
C ARG B 182 8.29 -12.53 29.86
N ALA B 183 7.40 -11.81 29.20
CA ALA B 183 7.20 -10.40 29.48
C ALA B 183 6.45 -10.09 30.76
N LEU B 184 5.41 -10.87 31.06
CA LEU B 184 4.56 -10.63 32.24
C LEU B 184 5.25 -10.19 33.53
N PRO B 185 6.45 -10.74 33.82
CA PRO B 185 7.16 -10.35 35.05
C PRO B 185 7.35 -8.85 35.23
N GLY B 186 7.52 -8.12 34.12
CA GLY B 186 7.74 -6.68 34.21
C GLY B 186 6.56 -5.77 33.91
N VAL B 187 5.39 -6.32 33.65
CA VAL B 187 4.20 -5.53 33.35
C VAL B 187 3.52 -5.05 34.63
N ASP B 188 3.20 -3.76 34.70
CA ASP B 188 2.52 -3.20 35.87
C ASP B 188 1.04 -3.02 35.57
N LEU B 189 0.75 -2.63 34.35
CA LEU B 189 -0.62 -2.43 33.90
C LEU B 189 -0.76 -3.16 32.57
N LEU B 190 -1.67 -4.12 32.55
CA LEU B 190 -1.91 -4.92 31.37
C LEU B 190 -3.34 -4.71 30.89
N PHE B 191 -3.48 -4.41 29.60
CA PHE B 191 -4.80 -4.22 29.01
C PHE B 191 -5.14 -5.47 28.22
N LEU B 192 -6.29 -6.05 28.54
CA LEU B 192 -6.71 -7.29 27.90
C LEU B 192 -8.17 -7.30 27.47
N SER B 193 -8.44 -8.02 26.39
CA SER B 193 -9.79 -8.17 25.87
C SER B 193 -10.32 -9.53 26.33
N GLU B 194 -11.64 -9.65 26.51
CA GLU B 194 -12.19 -10.93 26.93
C GLU B 194 -11.92 -12.02 25.90
N GLU B 195 -12.04 -11.65 24.62
CA GLU B 195 -11.82 -12.57 23.52
C GLU B 195 -10.37 -13.03 23.48
N GLU B 196 -9.45 -12.13 23.83
CA GLU B 196 -8.03 -12.44 23.84
C GLU B 196 -7.76 -13.46 24.94
N ALA B 197 -8.18 -13.14 26.16
CA ALA B 197 -7.99 -14.04 27.30
C ALA B 197 -8.53 -15.42 26.95
N GLU B 198 -9.67 -15.43 26.29
CA GLU B 198 -10.35 -16.64 25.87
C GLU B 198 -9.64 -17.34 24.71
N LEU B 199 -9.10 -16.56 23.79
CA LEU B 199 -8.41 -17.10 22.62
C LEU B 199 -6.97 -17.53 22.93
N LEU B 200 -6.46 -17.10 24.08
CA LEU B 200 -5.09 -17.43 24.47
C LEU B 200 -5.03 -18.22 25.76
N PHE B 201 -6.16 -18.43 26.41
CA PHE B 201 -6.18 -19.17 27.66
C PHE B 201 -7.39 -20.06 27.87
N GLY B 202 -8.26 -20.12 26.86
CA GLY B 202 -9.44 -20.96 26.97
C GLY B 202 -10.66 -20.21 27.47
N ARG B 203 -10.52 -19.53 28.60
CA ARG B 203 -11.63 -18.78 29.16
C ARG B 203 -11.16 -17.54 29.91
N VAL B 204 -12.01 -16.52 29.88
CA VAL B 204 -11.73 -15.24 30.52
C VAL B 204 -11.39 -15.39 32.01
N GLU B 205 -11.28 -16.62 32.49
CA GLU B 205 -10.95 -16.84 33.89
C GLU B 205 -9.53 -17.35 34.05
N GLU B 206 -9.21 -18.40 33.30
CA GLU B 206 -7.87 -18.96 33.36
C GLU B 206 -6.88 -17.83 33.14
N ALA B 207 -7.09 -17.11 32.05
CA ALA B 207 -6.22 -15.99 31.70
C ALA B 207 -6.01 -15.08 32.90
N LEU B 208 -7.08 -14.77 33.62
CA LEU B 208 -6.99 -13.88 34.79
C LEU B 208 -6.11 -14.43 35.91
N ARG B 209 -5.89 -15.74 35.86
CA ARG B 209 -5.08 -16.42 36.85
C ARG B 209 -3.62 -16.27 36.42
N ALA B 210 -3.32 -16.76 35.21
CA ALA B 210 -1.97 -16.72 34.63
C ALA B 210 -1.36 -15.31 34.56
N LEU B 211 -1.97 -14.43 33.78
CA LEU B 211 -1.52 -13.06 33.61
C LEU B 211 -1.89 -12.25 34.83
N SER B 212 -1.21 -12.49 35.95
CA SER B 212 -1.52 -11.78 37.19
C SER B 212 -0.62 -10.57 37.46
N ALA B 213 -0.83 -9.49 36.71
CA ALA B 213 -0.06 -8.27 36.87
C ALA B 213 -0.68 -7.38 37.96
N PRO B 214 0.14 -6.54 38.61
CA PRO B 214 -0.32 -5.63 39.67
C PRO B 214 -1.65 -4.93 39.36
N GLU B 215 -1.98 -4.85 38.07
CA GLU B 215 -3.21 -4.20 37.63
C GLU B 215 -3.55 -4.65 36.22
N VAL B 216 -4.75 -5.22 36.08
CA VAL B 216 -5.20 -5.70 34.78
C VAL B 216 -6.55 -5.08 34.45
N VAL B 217 -6.69 -4.65 33.20
CA VAL B 217 -7.94 -4.06 32.76
C VAL B 217 -8.52 -4.97 31.68
N LEU B 218 -9.64 -5.59 32.00
CA LEU B 218 -10.29 -6.51 31.08
C LEU B 218 -11.47 -5.84 30.36
N LYS B 219 -11.26 -5.53 29.09
CA LYS B 219 -12.29 -4.89 28.26
C LYS B 219 -13.27 -5.96 27.82
N ARG B 220 -14.55 -5.66 27.94
CA ARG B 220 -15.59 -6.63 27.59
C ARG B 220 -16.64 -6.04 26.67
N GLY B 221 -16.27 -5.78 25.43
CA GLY B 221 -17.23 -5.23 24.48
C GLY B 221 -17.96 -4.02 25.04
N ALA B 222 -19.26 -3.96 24.83
CA ALA B 222 -20.06 -2.85 25.34
C ALA B 222 -20.48 -3.08 26.80
N LYS B 223 -20.09 -4.24 27.33
CA LYS B 223 -20.38 -4.64 28.70
C LYS B 223 -19.34 -4.03 29.64
N GLY B 224 -19.17 -2.72 29.55
CA GLY B 224 -18.20 -2.05 30.39
C GLY B 224 -16.82 -2.68 30.31
N ALA B 225 -16.28 -2.98 31.48
CA ALA B 225 -14.95 -3.57 31.57
C ALA B 225 -14.60 -3.67 33.04
N TRP B 226 -13.69 -4.57 33.38
CA TRP B 226 -13.30 -4.73 34.76
C TRP B 226 -11.85 -4.36 34.98
N ALA B 227 -11.60 -3.66 36.07
CA ALA B 227 -10.26 -3.24 36.46
C ALA B 227 -9.89 -4.04 37.73
N PHE B 228 -8.75 -4.73 37.69
CA PHE B 228 -8.33 -5.56 38.82
C PHE B 228 -7.10 -5.06 39.58
N VAL B 229 -7.35 -4.36 40.69
CA VAL B 229 -6.28 -3.84 41.54
C VAL B 229 -6.52 -4.43 42.93
N ASP B 230 -5.47 -4.54 43.73
CA ASP B 230 -5.58 -5.07 45.10
C ASP B 230 -6.59 -6.20 45.26
N GLY B 231 -6.52 -7.20 44.40
CA GLY B 231 -7.43 -8.33 44.47
C GLY B 231 -8.88 -7.93 44.31
N ARG B 232 -9.13 -6.63 44.45
CA ARG B 232 -10.45 -6.05 44.32
C ARG B 232 -10.78 -6.11 42.82
N ARG B 233 -12.04 -5.94 42.45
CA ARG B 233 -12.39 -6.00 41.02
C ARG B 233 -13.45 -5.00 40.61
N VAL B 234 -13.02 -3.79 40.26
CA VAL B 234 -13.94 -2.75 39.85
C VAL B 234 -14.51 -2.94 38.45
N GLU B 235 -15.80 -2.65 38.30
CA GLU B 235 -16.46 -2.79 37.03
C GLU B 235 -16.66 -1.41 36.39
N GLY B 236 -16.66 -1.38 35.06
CA GLY B 236 -16.82 -0.12 34.36
C GLY B 236 -18.17 0.10 33.72
N SER B 237 -18.48 1.38 33.53
CA SER B 237 -19.74 1.83 32.93
C SER B 237 -19.90 1.27 31.51
N ALA B 238 -20.95 0.49 31.30
CA ALA B 238 -21.23 -0.08 29.97
C ALA B 238 -21.66 1.09 29.09
N PHE B 239 -21.55 0.95 27.77
CA PHE B 239 -21.98 2.04 26.91
C PHE B 239 -22.97 1.61 25.84
N ALA B 240 -24.03 2.41 25.69
CA ALA B 240 -25.09 2.14 24.72
C ALA B 240 -24.96 3.03 23.48
N VAL B 241 -23.73 3.16 22.98
CA VAL B 241 -23.49 3.96 21.80
C VAL B 241 -23.08 3.01 20.67
N GLU B 242 -23.60 3.21 19.46
CA GLU B 242 -23.25 2.33 18.35
C GLU B 242 -21.96 2.75 17.65
N ALA B 243 -21.21 1.74 17.23
CA ALA B 243 -19.92 1.97 16.57
C ALA B 243 -19.97 2.57 15.17
N VAL B 244 -19.26 3.69 15.00
CA VAL B 244 -19.15 4.37 13.71
C VAL B 244 -17.97 3.67 13.03
N ASP B 245 -16.82 3.75 13.69
CA ASP B 245 -15.60 3.11 13.23
C ASP B 245 -14.91 2.68 14.51
N PRO B 246 -15.15 1.44 14.95
CA PRO B 246 -14.58 0.84 16.17
C PRO B 246 -13.05 0.64 16.20
N VAL B 247 -12.38 0.94 15.09
CA VAL B 247 -10.92 0.83 15.01
C VAL B 247 -10.25 1.92 15.85
N GLY B 248 -9.39 1.51 16.76
CA GLY B 248 -8.69 2.46 17.60
C GLY B 248 -9.40 2.76 18.89
N ALA B 249 -10.61 2.23 19.08
CA ALA B 249 -11.36 2.48 20.30
C ALA B 249 -10.64 1.85 21.49
N GLY B 250 -10.01 0.70 21.27
CA GLY B 250 -9.26 0.06 22.35
C GLY B 250 -8.03 0.85 22.76
N ASP B 251 -7.41 1.51 21.79
CA ASP B 251 -6.22 2.34 22.03
C ASP B 251 -6.63 3.55 22.86
N ALA B 252 -7.76 4.16 22.47
CA ALA B 252 -8.30 5.33 23.14
C ALA B 252 -8.65 5.00 24.59
N PHE B 253 -9.24 3.82 24.79
CA PHE B 253 -9.62 3.35 26.13
C PHE B 253 -8.35 3.27 26.99
N ALA B 254 -7.30 2.67 26.43
CA ALA B 254 -6.04 2.51 27.12
C ALA B 254 -5.45 3.88 27.48
N ALA B 255 -5.58 4.83 26.56
CA ALA B 255 -5.06 6.17 26.78
C ALA B 255 -5.82 6.90 27.89
N GLY B 256 -7.13 6.72 27.91
CA GLY B 256 -7.94 7.37 28.92
C GLY B 256 -7.66 6.79 30.30
N TYR B 257 -7.34 5.51 30.35
CA TYR B 257 -7.03 4.86 31.62
C TYR B 257 -5.69 5.41 32.15
N LEU B 258 -4.70 5.48 31.26
CA LEU B 258 -3.37 5.98 31.58
C LEU B 258 -3.43 7.44 32.01
N ALA B 259 -4.23 8.23 31.31
CA ALA B 259 -4.36 9.65 31.64
C ALA B 259 -4.88 9.77 33.07
N GLY B 260 -5.88 8.95 33.39
CA GLY B 260 -6.46 8.94 34.72
C GLY B 260 -5.43 8.50 35.74
N ALA B 261 -4.68 7.46 35.41
CA ALA B 261 -3.62 6.96 36.28
C ALA B 261 -2.58 8.07 36.46
N VAL B 262 -2.01 8.52 35.34
CA VAL B 262 -1.01 9.58 35.34
C VAL B 262 -1.46 10.78 36.16
N TRP B 263 -2.76 10.97 36.29
CA TRP B 263 -3.30 12.09 37.06
C TRP B 263 -3.72 11.67 38.46
N GLY B 264 -3.30 10.46 38.87
CA GLY B 264 -3.64 9.96 40.20
C GLY B 264 -5.13 9.94 40.54
N LEU B 265 -5.92 9.26 39.73
CA LEU B 265 -7.35 9.17 39.95
C LEU B 265 -7.73 7.77 40.40
N PRO B 266 -8.78 7.66 41.23
CA PRO B 266 -9.23 6.35 41.71
C PRO B 266 -9.60 5.46 40.52
N VAL B 267 -9.55 4.15 40.69
CA VAL B 267 -9.85 3.21 39.60
C VAL B 267 -11.19 3.41 38.89
N GLU B 268 -12.15 4.02 39.57
CA GLU B 268 -13.46 4.27 38.97
C GLU B 268 -13.38 5.40 37.97
N GLU B 269 -12.63 6.43 38.32
CA GLU B 269 -12.47 7.57 37.45
C GLU B 269 -11.58 7.24 36.27
N ARG B 270 -10.65 6.30 36.48
CA ARG B 270 -9.78 5.87 35.41
C ARG B 270 -10.61 5.11 34.39
N LEU B 271 -11.55 4.30 34.86
CA LEU B 271 -12.42 3.52 33.98
C LEU B 271 -13.43 4.41 33.28
N ARG B 272 -13.97 5.39 34.00
CA ARG B 272 -14.94 6.31 33.43
C ARG B 272 -14.29 7.09 32.28
N LEU B 273 -13.03 7.47 32.50
CA LEU B 273 -12.23 8.22 31.52
C LEU B 273 -11.86 7.34 30.32
N ALA B 274 -11.41 6.12 30.61
CA ALA B 274 -11.03 5.17 29.57
C ALA B 274 -12.11 4.98 28.51
N ASN B 275 -13.33 4.61 28.93
CA ASN B 275 -14.38 4.42 27.93
C ASN B 275 -15.01 5.70 27.45
N LEU B 276 -14.54 6.82 27.98
CA LEU B 276 -15.04 8.10 27.53
C LEU B 276 -14.26 8.42 26.26
N LEU B 277 -12.97 8.10 26.27
CA LEU B 277 -12.12 8.31 25.10
C LEU B 277 -12.47 7.22 24.10
N GLY B 278 -12.57 5.98 24.60
CA GLY B 278 -12.91 4.85 23.75
C GLY B 278 -14.19 5.11 22.95
N ALA B 279 -15.22 5.62 23.63
CA ALA B 279 -16.50 5.91 23.00
C ALA B 279 -16.40 7.02 21.99
N SER B 280 -15.60 8.04 22.29
CA SER B 280 -15.45 9.16 21.38
C SER B 280 -14.82 8.71 20.06
N VAL B 281 -13.76 7.92 20.16
CA VAL B 281 -13.06 7.42 18.99
C VAL B 281 -13.93 6.45 18.20
N ALA B 282 -14.62 5.58 18.91
CA ALA B 282 -15.49 4.63 18.26
C ALA B 282 -16.56 5.41 17.49
N ALA B 283 -16.91 6.58 18.01
CA ALA B 283 -17.93 7.45 17.41
C ALA B 283 -17.47 8.24 16.19
N SER B 284 -16.20 8.11 15.84
CA SER B 284 -15.67 8.84 14.70
C SER B 284 -14.93 7.93 13.73
N ARG B 285 -14.85 8.38 12.48
CA ARG B 285 -14.11 7.63 11.48
C ARG B 285 -12.64 7.96 11.72
N GLY B 286 -11.74 7.11 11.22
CA GLY B 286 -10.33 7.33 11.43
C GLY B 286 -9.89 6.44 12.58
N ASP B 287 -8.59 6.43 12.85
CA ASP B 287 -8.06 5.60 13.91
C ASP B 287 -8.11 6.27 15.27
N HIS B 288 -7.68 7.53 15.34
CA HIS B 288 -7.70 8.27 16.60
C HIS B 288 -8.43 9.60 16.44
N GLU B 289 -9.14 9.76 15.34
CA GLU B 289 -9.92 10.97 15.13
C GLU B 289 -11.06 10.84 16.13
N GLY B 290 -11.39 11.91 16.82
CA GLY B 290 -12.46 11.79 17.78
C GLY B 290 -11.93 11.78 19.19
N ALA B 291 -10.62 11.59 19.32
CA ALA B 291 -9.99 11.61 20.63
C ALA B 291 -10.25 13.02 21.17
N PRO B 292 -10.83 13.11 22.36
CA PRO B 292 -11.14 14.41 23.00
C PRO B 292 -9.92 15.23 23.48
N TYR B 293 -10.06 16.55 23.47
CA TYR B 293 -8.99 17.43 23.93
C TYR B 293 -9.22 17.78 25.40
N ARG B 294 -8.17 18.22 26.08
CA ARG B 294 -8.24 18.57 27.50
C ARG B 294 -9.47 19.44 27.80
N GLU B 295 -9.53 20.60 27.17
CA GLU B 295 -10.63 21.55 27.33
C GLU B 295 -12.04 20.92 27.26
N ASP B 296 -12.15 19.77 26.60
CA ASP B 296 -13.43 19.07 26.46
C ASP B 296 -13.88 18.38 27.74
N LEU B 297 -12.95 17.67 28.37
CA LEU B 297 -13.25 16.97 29.61
C LEU B 297 -13.66 18.01 30.64
N GLU B 298 -12.96 19.13 30.60
CA GLU B 298 -13.20 20.25 31.50
C GLU B 298 -14.64 20.75 31.42
N VAL B 299 -15.13 20.99 30.20
CA VAL B 299 -16.49 21.49 29.99
C VAL B 299 -17.56 20.50 30.42
N LEU B 300 -17.41 19.23 30.04
CA LEU B 300 -18.39 18.23 30.41
C LEU B 300 -18.34 18.04 31.93
N LEU B 301 -17.29 18.58 32.55
CA LEU B 301 -17.11 18.50 34.00
C LEU B 301 -17.78 19.71 34.67
N LYS B 302 -17.23 20.83 34.57
C1 DIO C . 5.22 -3.47 1.72
C2 DIO C . 5.48 -3.96 -0.62
C1' DIO C . 4.32 -4.73 1.88
C2' DIO C . 4.59 -5.21 -0.47
O1 DIO C . 6.14 -3.63 0.62
O1' DIO C . 4.65 -5.71 0.89
#